data_7AKG
#
_entry.id   7AKG
#
_cell.length_a   84.289
_cell.length_b   84.289
_cell.length_c   114.170
_cell.angle_alpha   90.000
_cell.angle_beta   90.000
_cell.angle_gamma   90.000
#
_symmetry.space_group_name_H-M   'P 41 2 2'
#
loop_
_entity.id
_entity.type
_entity.pdbx_description
1 polymer 'Serine/threonine-protein kinase 17B'
2 non-polymer 1,2-ETHANEDIOL
3 non-polymer 4-amino-5-fluoro-3-[5-(4-methylpiperazin-1-yl)-1H-benzimidazol-2-yl]quinolin-2(1H)-one
4 water water
#
_entity_poly.entity_id   1
_entity_poly.type   'polypeptide(L)'
_entity_poly.pdbx_seq_one_letter_code
;MHHHHHHSSGVDLGTENLYFQSMENFNNFYILTSKELGRGKFAVVRQCISKSTGQEYAAKFLKKRRRGQDCRAEILHEIA
VLELAKSCPRVINLHEVYENTSEIILILEYAAGGEIFSLCLPELAEMVSENDVIRLIKQILEGVYYLHQNNIVHLDLKPQ
NILLSSIYPLGDIKIVDFGMSRKIGHACELREIMGTPEYLAPEILNYDPITTATDMWNIGIIAYMLLTHTSPFVGEDNQE
TYLNISQVNVDYSEETFSSVSQLATDFIQSLLVKNPEKRPTAEICLSHSWLQQWDFENLFHPEETSSSSQTQDHSVRSSE
DKTSKSS
;
_entity_poly.pdbx_strand_id   A
#
# COMPACT_ATOMS: atom_id res chain seq x y z
N THR A 15 35.30 6.50 8.53
CA THR A 15 35.23 6.33 7.05
C THR A 15 34.12 7.22 6.45
N GLU A 16 32.84 6.80 6.55
CA GLU A 16 31.71 7.35 5.72
C GLU A 16 31.39 8.85 5.92
N ASN A 17 31.27 9.62 4.85
CA ASN A 17 30.81 11.00 4.92
C ASN A 17 29.30 11.00 4.78
N LEU A 18 28.65 11.85 5.55
CA LEU A 18 27.21 11.93 5.56
C LEU A 18 26.73 12.90 4.45
N TYR A 19 25.62 12.58 3.85
CA TYR A 19 25.08 13.40 2.78
C TYR A 19 23.95 14.33 3.18
N PHE A 20 23.01 13.82 3.99
CA PHE A 20 21.82 14.55 4.28
C PHE A 20 22.00 15.49 5.48
N GLN A 21 20.96 16.26 5.79
CA GLN A 21 21.00 17.24 6.89
CA GLN A 21 20.98 17.24 6.90
C GLN A 21 21.41 16.56 8.20
N SER A 22 22.19 17.27 8.99
CA SER A 22 22.75 16.76 10.25
C SER A 22 21.73 16.38 11.35
N MET A 23 22.15 15.43 12.17
CA MET A 23 21.33 15.02 13.31
C MET A 23 21.10 16.13 14.32
N GLU A 24 22.09 16.98 14.46
CA GLU A 24 21.98 18.16 15.32
C GLU A 24 20.86 19.08 14.79
N ASN A 25 20.74 19.22 13.47
CA ASN A 25 19.62 19.99 12.95
C ASN A 25 18.26 19.30 13.22
N PHE A 26 18.23 17.96 13.05
CA PHE A 26 17.01 17.19 13.32
C PHE A 26 16.46 17.48 14.72
N ASN A 27 17.30 17.24 15.70
CA ASN A 27 16.93 17.50 17.10
C ASN A 27 16.63 18.99 17.43
N ASN A 28 17.21 19.89 16.68
CA ASN A 28 16.88 21.29 16.79
C ASN A 28 15.49 21.65 16.26
N PHE A 29 15.05 21.00 15.17
CA PHE A 29 13.80 21.33 14.50
C PHE A 29 12.62 20.52 14.92
N TYR A 30 12.87 19.33 15.46
CA TYR A 30 11.82 18.36 15.79
C TYR A 30 12.00 17.77 17.17
N ILE A 31 10.89 17.39 17.76
CA ILE A 31 10.88 16.58 18.97
C ILE A 31 10.10 15.29 18.69
N LEU A 32 10.72 14.15 19.04
CA LEU A 32 10.06 12.87 18.91
C LEU A 32 9.00 12.78 19.98
N THR A 33 7.86 12.18 19.63
CA THR A 33 6.83 11.87 20.63
C THR A 33 6.94 10.45 21.10
N SER A 34 6.19 10.13 22.13
CA SER A 34 6.17 8.78 22.68
C SER A 34 5.32 7.81 21.86
N LYS A 35 4.79 8.25 20.72
CA LYS A 35 3.97 7.36 19.88
C LYS A 35 4.85 6.72 18.79
N GLU A 36 5.34 5.51 19.08
CA GLU A 36 6.01 4.67 18.08
C GLU A 36 4.96 4.16 17.10
N LEU A 37 5.21 4.34 15.82
CA LEU A 37 4.25 4.02 14.78
C LEU A 37 4.49 2.64 14.11
N GLY A 38 5.71 2.16 14.07
CA GLY A 38 6.00 0.87 13.43
C GLY A 38 7.45 0.51 13.69
N ARG A 39 7.74 -0.78 13.68
CA ARG A 39 9.09 -1.30 13.87
C ARG A 39 9.28 -2.52 12.99
N GLY A 40 10.30 -2.51 12.14
CA GLY A 40 10.75 -3.71 11.37
C GLY A 40 12.22 -3.99 11.69
N LYS A 41 12.86 -4.89 10.93
CA LYS A 41 14.22 -5.36 11.31
C LYS A 41 15.26 -4.25 11.18
N PHE A 42 15.14 -3.45 10.11
CA PHE A 42 16.08 -2.36 9.83
C PHE A 42 15.44 -0.95 9.80
N ALA A 43 14.34 -0.77 10.50
CA ALA A 43 13.53 0.42 10.35
C ALA A 43 12.63 0.64 11.58
N VAL A 44 12.51 1.90 12.01
CA VAL A 44 11.60 2.31 13.08
C VAL A 44 10.90 3.57 12.63
N VAL A 45 9.61 3.68 12.91
CA VAL A 45 8.86 4.86 12.52
C VAL A 45 8.30 5.41 13.82
N ARG A 46 8.55 6.68 14.08
CA ARG A 46 8.06 7.33 15.28
C ARG A 46 7.48 8.67 14.91
N GLN A 47 6.38 9.04 15.57
CA GLN A 47 5.82 10.36 15.42
C GLN A 47 6.81 11.41 15.88
N CYS A 48 6.82 12.55 15.20
CA CYS A 48 7.54 13.72 15.66
C CYS A 48 6.74 14.99 15.38
N ILE A 49 7.15 16.07 16.01
CA ILE A 49 6.45 17.34 15.89
C ILE A 49 7.44 18.44 15.52
N SER A 50 7.09 19.30 14.59
CA SER A 50 7.93 20.45 14.32
C SER A 50 7.88 21.44 15.51
N LYS A 51 9.07 21.78 16.03
CA LYS A 51 9.15 22.67 17.17
C LYS A 51 8.61 24.05 16.84
N SER A 52 8.79 24.47 15.59
CA SER A 52 8.31 25.75 15.17
C SER A 52 6.82 25.79 14.87
N THR A 53 6.27 24.81 14.15
CA THR A 53 4.87 24.90 13.68
C THR A 53 3.87 24.07 14.49
N GLY A 54 4.33 23.04 15.20
CA GLY A 54 3.42 22.12 15.89
C GLY A 54 2.91 21.01 15.00
N GLN A 55 3.28 21.05 13.72
CA GLN A 55 2.81 20.08 12.75
C GLN A 55 3.40 18.67 13.06
N GLU A 56 2.56 17.65 13.05
CA GLU A 56 3.01 16.31 13.28
C GLU A 56 3.53 15.66 11.97
N TYR A 57 4.54 14.80 12.10
CA TYR A 57 5.10 14.01 11.05
C TYR A 57 5.40 12.60 11.56
N ALA A 58 5.72 11.72 10.61
CA ALA A 58 6.22 10.38 10.88
C ALA A 58 7.70 10.38 10.49
N ALA A 59 8.60 10.16 11.45
CA ALA A 59 9.98 10.03 11.18
C ALA A 59 10.33 8.56 10.99
N LYS A 60 10.92 8.23 9.85
CA LYS A 60 11.27 6.85 9.53
C LYS A 60 12.74 6.71 9.56
N PHE A 61 13.23 5.90 10.50
CA PHE A 61 14.63 5.75 10.74
C PHE A 61 15.07 4.49 10.06
N LEU A 62 15.86 4.62 8.98
CA LEU A 62 16.37 3.48 8.24
C LEU A 62 17.84 3.23 8.50
N LYS A 63 18.15 2.03 8.99
CA LYS A 63 19.51 1.63 9.17
C LYS A 63 20.24 1.47 7.81
N LYS A 64 21.44 2.03 7.73
CA LYS A 64 22.26 1.95 6.52
C LYS A 64 22.94 0.59 6.32
N ARG A 65 23.41 0.00 7.40
CA ARG A 65 24.01 -1.34 7.40
C ARG A 65 22.98 -2.43 7.61
N ARG A 66 22.97 -3.41 6.71
CA ARG A 66 22.02 -4.52 6.74
C ARG A 66 22.73 -5.80 6.38
N ARG A 67 22.67 -6.77 7.30
CA ARG A 67 23.25 -8.11 7.11
C ARG A 67 24.67 -8.08 6.61
N GLY A 68 25.46 -7.10 6.99
CA GLY A 68 26.85 -6.94 6.46
C GLY A 68 27.00 -5.88 5.36
N GLN A 69 25.91 -5.58 4.67
CA GLN A 69 25.93 -4.72 3.47
C GLN A 69 25.76 -3.24 3.78
N ASP A 70 26.58 -2.39 3.18
CA ASP A 70 26.31 -0.98 3.11
C ASP A 70 25.15 -0.69 2.19
N CYS A 71 23.97 -0.34 2.73
CA CYS A 71 22.78 -0.17 1.93
C CYS A 71 22.36 1.28 1.64
N ARG A 72 23.28 2.22 1.71
CA ARG A 72 22.91 3.62 1.45
C ARG A 72 22.39 3.84 0.01
N ALA A 73 22.98 3.13 -0.96
CA ALA A 73 22.56 3.22 -2.32
C ALA A 73 21.09 2.82 -2.46
N GLU A 74 20.71 1.69 -1.83
CA GLU A 74 19.27 1.27 -1.73
C GLU A 74 18.37 2.34 -1.14
N ILE A 75 18.81 2.93 -0.04
CA ILE A 75 17.99 3.92 0.59
C ILE A 75 17.85 5.14 -0.35
N LEU A 76 18.95 5.58 -0.97
CA LEU A 76 18.89 6.67 -1.95
C LEU A 76 17.89 6.37 -3.06
N HIS A 77 17.90 5.13 -3.55
CA HIS A 77 16.92 4.75 -4.55
C HIS A 77 15.48 4.88 -4.01
N GLU A 78 15.25 4.45 -2.79
CA GLU A 78 13.94 4.56 -2.23
C GLU A 78 13.49 6.02 -2.16
N ILE A 79 14.39 6.91 -1.78
CA ILE A 79 14.07 8.35 -1.74
C ILE A 79 13.84 8.94 -3.15
N ALA A 80 14.63 8.52 -4.15
CA ALA A 80 14.36 8.91 -5.53
C ALA A 80 12.92 8.58 -5.95
N VAL A 81 12.48 7.37 -5.62
CA VAL A 81 11.13 6.92 -5.95
C VAL A 81 10.07 7.77 -5.23
N LEU A 82 10.22 7.93 -3.94
CA LEU A 82 9.32 8.78 -3.16
C LEU A 82 9.25 10.17 -3.73
N GLU A 83 10.41 10.70 -4.10
CA GLU A 83 10.47 12.06 -4.68
C GLU A 83 9.71 12.13 -5.98
N LEU A 84 9.87 11.14 -6.84
CA LEU A 84 9.10 11.12 -8.10
C LEU A 84 7.60 11.07 -7.85
N ALA A 85 7.18 10.28 -6.87
CA ALA A 85 5.78 10.04 -6.67
C ALA A 85 5.12 11.06 -5.75
N LYS A 86 5.85 12.06 -5.30
CA LYS A 86 5.36 13.03 -4.31
C LYS A 86 4.15 13.76 -4.79
N SER A 87 4.12 14.11 -6.07
CA SER A 87 3.02 14.87 -6.67
C SER A 87 1.64 14.17 -6.65
N CYS A 88 1.59 12.87 -6.41
CA CYS A 88 0.34 12.13 -6.38
C CYS A 88 -0.19 12.12 -4.96
N PRO A 89 -1.41 12.66 -4.75
CA PRO A 89 -1.90 12.78 -3.35
C PRO A 89 -2.26 11.43 -2.69
N ARG A 90 -2.32 10.36 -3.46
CA ARG A 90 -2.52 9.04 -2.87
C ARG A 90 -1.23 8.39 -2.41
N VAL A 91 -0.08 9.02 -2.70
CA VAL A 91 1.20 8.54 -2.19
C VAL A 91 1.64 9.47 -1.03
N ILE A 92 2.19 8.85 0.01
CA ILE A 92 2.76 9.53 1.19
C ILE A 92 3.78 10.58 0.73
N ASN A 93 3.71 11.70 1.39
CA ASN A 93 4.55 12.79 1.05
C ASN A 93 5.85 12.84 1.85
N LEU A 94 6.95 12.98 1.15
CA LEU A 94 8.28 13.18 1.77
C LEU A 94 8.51 14.64 1.99
N HIS A 95 8.85 15.01 3.21
CA HIS A 95 9.07 16.41 3.61
C HIS A 95 10.57 16.78 3.72
N GLU A 96 11.32 16.02 4.52
CA GLU A 96 12.78 16.29 4.71
C GLU A 96 13.55 14.99 4.88
N VAL A 97 14.87 15.07 4.78
CA VAL A 97 15.75 13.94 5.06
C VAL A 97 16.92 14.36 5.92
N TYR A 98 17.24 13.55 6.90
CA TYR A 98 18.36 13.73 7.83
C TYR A 98 19.23 12.47 7.87
N GLU A 99 20.45 12.59 8.36
CA GLU A 99 21.37 11.44 8.42
C GLU A 99 22.32 11.55 9.60
N ASN A 100 22.59 10.41 10.23
CA ASN A 100 23.57 10.26 11.28
C ASN A 100 24.47 9.05 10.94
N THR A 101 25.34 8.61 11.84
CA THR A 101 26.28 7.52 11.52
C THR A 101 25.62 6.24 11.01
N SER A 102 24.52 5.84 11.65
CA SER A 102 23.93 4.57 11.35
C SER A 102 22.64 4.66 10.56
N GLU A 103 22.00 5.83 10.54
CA GLU A 103 20.64 5.97 10.02
C GLU A 103 20.46 7.05 8.95
N ILE A 104 19.52 6.83 8.03
CA ILE A 104 18.98 7.91 7.25
C ILE A 104 17.56 8.05 7.70
N ILE A 105 17.15 9.29 7.96
CA ILE A 105 15.86 9.54 8.57
C ILE A 105 14.99 10.28 7.61
N LEU A 106 13.86 9.69 7.28
CA LEU A 106 12.89 10.33 6.40
C LEU A 106 11.80 11.02 7.19
N ILE A 107 11.59 12.30 6.93
CA ILE A 107 10.50 13.00 7.62
C ILE A 107 9.32 12.94 6.68
N LEU A 108 8.34 12.12 7.02
CA LEU A 108 7.22 11.80 6.12
C LEU A 108 5.89 12.34 6.64
N GLU A 109 4.91 12.37 5.76
CA GLU A 109 3.56 12.80 6.14
C GLU A 109 3.02 11.89 7.27
N TYR A 110 2.35 12.50 8.25
CA TYR A 110 1.65 11.76 9.31
C TYR A 110 0.25 11.44 8.84
N ALA A 111 -0.15 10.20 9.02
CA ALA A 111 -1.49 9.74 8.62
C ALA A 111 -2.18 9.27 9.88
N ALA A 112 -3.08 10.11 10.40
CA ALA A 112 -3.68 9.94 11.73
C ALA A 112 -4.58 8.73 11.84
N GLY A 113 -5.07 8.24 10.70
CA GLY A 113 -5.92 7.08 10.71
C GLY A 113 -5.22 5.74 10.87
N GLY A 114 -3.88 5.70 10.71
CA GLY A 114 -3.15 4.45 10.71
C GLY A 114 -3.49 3.55 9.48
N GLU A 115 -3.25 2.27 9.64
CA GLU A 115 -3.29 1.29 8.58
C GLU A 115 -4.73 0.94 8.14
N ILE A 116 -4.92 0.74 6.84
CA ILE A 116 -6.18 0.21 6.33
C ILE A 116 -6.44 -1.23 6.85
N PHE A 117 -5.34 -1.92 7.22
CA PHE A 117 -5.43 -3.22 7.88
C PHE A 117 -6.39 -3.21 9.09
N SER A 118 -6.41 -2.14 9.86
CA SER A 118 -7.33 -2.09 11.02
C SER A 118 -8.80 -2.27 10.64
N LEU A 119 -9.15 -1.97 9.36
CA LEU A 119 -10.50 -2.14 8.88
C LEU A 119 -10.75 -3.53 8.33
N CYS A 120 -9.75 -4.40 8.36
CA CYS A 120 -9.85 -5.74 7.84
C CYS A 120 -9.84 -6.80 8.95
N LEU A 121 -9.76 -6.36 10.21
CA LEU A 121 -9.54 -7.27 11.33
C LEU A 121 -10.80 -8.06 11.63
N PRO A 122 -10.66 -9.41 11.82
CA PRO A 122 -11.83 -10.25 12.19
C PRO A 122 -12.60 -9.67 13.39
N GLU A 123 -11.85 -9.27 14.41
CA GLU A 123 -12.38 -8.71 15.66
C GLU A 123 -13.02 -7.30 15.57
N LEU A 124 -12.94 -6.63 14.42
CA LEU A 124 -13.74 -5.42 14.21
C LEU A 124 -15.18 -5.87 13.99
N ALA A 125 -16.13 -5.23 14.69
CA ALA A 125 -17.56 -5.60 14.62
C ALA A 125 -18.25 -4.93 13.42
N GLU A 126 -18.12 -3.62 13.33
CA GLU A 126 -18.58 -2.84 12.18
C GLU A 126 -17.85 -3.30 10.88
N MET A 127 -18.60 -3.79 9.90
CA MET A 127 -18.09 -3.89 8.53
C MET A 127 -18.10 -2.47 7.96
N VAL A 128 -17.06 -2.08 7.27
CA VAL A 128 -17.04 -0.81 6.56
C VAL A 128 -18.16 -0.82 5.47
N SER A 129 -18.87 0.30 5.31
CA SER A 129 -20.03 0.33 4.36
C SER A 129 -19.55 0.08 2.96
N GLU A 130 -20.44 -0.37 2.08
CA GLU A 130 -20.03 -0.58 0.68
C GLU A 130 -19.55 0.74 0.06
N ASN A 131 -20.24 1.84 0.38
CA ASN A 131 -19.87 3.18 -0.11
C ASN A 131 -18.41 3.47 0.16
N ASP A 132 -18.00 3.14 1.38
CA ASP A 132 -16.64 3.39 1.81
C ASP A 132 -15.62 2.46 1.15
N VAL A 133 -15.94 1.17 1.07
CA VAL A 133 -15.03 0.24 0.45
C VAL A 133 -14.82 0.70 -0.99
N ILE A 134 -15.91 1.02 -1.68
CA ILE A 134 -15.80 1.49 -3.07
C ILE A 134 -14.88 2.68 -3.15
N ARG A 135 -15.08 3.68 -2.29
CA ARG A 135 -14.23 4.86 -2.33
C ARG A 135 -12.76 4.51 -2.07
N LEU A 136 -12.51 3.73 -1.03
CA LEU A 136 -11.14 3.41 -0.68
C LEU A 136 -10.42 2.67 -1.82
N ILE A 137 -11.12 1.72 -2.46
CA ILE A 137 -10.53 0.95 -3.54
C ILE A 137 -10.20 1.88 -4.74
N LYS A 138 -11.14 2.78 -5.11
CA LYS A 138 -10.92 3.80 -6.16
C LYS A 138 -9.66 4.57 -5.91
N GLN A 139 -9.51 5.04 -4.67
CA GLN A 139 -8.35 5.88 -4.30
C GLN A 139 -7.06 5.08 -4.38
N ILE A 140 -7.07 3.83 -3.91
CA ILE A 140 -5.90 3.00 -4.04
C ILE A 140 -5.54 2.78 -5.52
N LEU A 141 -6.54 2.55 -6.34
CA LEU A 141 -6.35 2.35 -7.76
C LEU A 141 -5.81 3.60 -8.42
N GLU A 142 -6.28 4.78 -8.01
CA GLU A 142 -5.72 6.06 -8.55
C GLU A 142 -4.24 6.16 -8.30
N GLY A 143 -3.83 5.83 -7.07
CA GLY A 143 -2.43 5.81 -6.70
C GLY A 143 -1.62 4.83 -7.49
N VAL A 144 -2.15 3.61 -7.64
CA VAL A 144 -1.41 2.58 -8.33
C VAL A 144 -1.32 2.90 -9.80
N TYR A 145 -2.39 3.46 -10.36
CA TYR A 145 -2.40 3.94 -11.73
C TYR A 145 -1.23 4.92 -11.96
N TYR A 146 -1.14 5.93 -11.08
CA TYR A 146 -0.05 6.92 -11.15
C TYR A 146 1.32 6.23 -11.12
N LEU A 147 1.53 5.33 -10.14
CA LEU A 147 2.80 4.60 -10.07
C LEU A 147 3.12 3.82 -11.36
N HIS A 148 2.15 3.06 -11.84
CA HIS A 148 2.34 2.30 -13.04
C HIS A 148 2.59 3.18 -14.27
N GLN A 149 1.93 4.34 -14.37
CA GLN A 149 2.18 5.27 -15.49
C GLN A 149 3.67 5.74 -15.49
N ASN A 150 4.32 5.73 -14.32
CA ASN A 150 5.71 6.09 -14.19
C ASN A 150 6.66 4.90 -14.05
N ASN A 151 6.24 3.73 -14.53
CA ASN A 151 7.03 2.52 -14.48
CA ASN A 151 7.10 2.53 -14.47
C ASN A 151 7.56 2.20 -13.04
N ILE A 152 6.71 2.42 -12.03
CA ILE A 152 7.03 1.96 -10.69
C ILE A 152 6.02 0.89 -10.33
N VAL A 153 6.53 -0.32 -10.06
CA VAL A 153 5.75 -1.36 -9.40
C VAL A 153 6.11 -1.34 -7.91
N HIS A 154 5.09 -1.26 -7.06
CA HIS A 154 5.29 -1.17 -5.60
C HIS A 154 5.85 -2.46 -5.01
N LEU A 155 5.18 -3.55 -5.35
CA LEU A 155 5.56 -4.91 -4.94
C LEU A 155 5.39 -5.27 -3.45
N ASP A 156 4.79 -4.41 -2.63
CA ASP A 156 4.57 -4.75 -1.20
C ASP A 156 3.26 -4.06 -0.75
N LEU A 157 2.22 -4.17 -1.59
CA LEU A 157 0.95 -3.50 -1.31
C LEU A 157 0.10 -4.36 -0.41
N LYS A 158 0.65 -4.64 0.75
CA LYS A 158 -0.08 -5.27 1.82
C LYS A 158 -0.91 -4.18 2.50
N PRO A 159 -2.04 -4.55 3.09
CA PRO A 159 -2.86 -3.57 3.86
C PRO A 159 -2.10 -2.76 4.93
N GLN A 160 -1.00 -3.29 5.47
CA GLN A 160 -0.19 -2.54 6.39
C GLN A 160 0.58 -1.39 5.70
N ASN A 161 0.70 -1.42 4.38
CA ASN A 161 1.38 -0.35 3.65
C ASN A 161 0.47 0.66 2.94
N ILE A 162 -0.81 0.64 3.30
CA ILE A 162 -1.75 1.65 2.89
C ILE A 162 -2.40 2.25 4.13
N LEU A 163 -2.22 3.57 4.29
CA LEU A 163 -2.64 4.30 5.47
C LEU A 163 -3.84 5.17 5.16
N LEU A 164 -4.48 5.65 6.24
CA LEU A 164 -5.60 6.56 6.16
C LEU A 164 -5.29 7.86 6.85
N SER A 165 -5.70 8.96 6.25
CA SER A 165 -5.51 10.30 6.82
C SER A 165 -6.37 10.53 8.09
N SER A 166 -7.49 9.81 8.18
CA SER A 166 -8.27 9.75 9.42
C SER A 166 -9.21 8.56 9.39
N ILE A 167 -9.68 8.20 10.59
CA ILE A 167 -10.67 7.12 10.79
C ILE A 167 -12.07 7.66 11.16
N TYR A 168 -12.14 8.74 11.95
CA TYR A 168 -13.42 9.41 12.25
C TYR A 168 -13.37 10.88 11.83
N PRO A 169 -14.05 11.24 10.74
CA PRO A 169 -14.62 10.31 9.79
C PRO A 169 -13.54 9.60 8.94
N LEU A 170 -13.98 8.67 8.12
CA LEU A 170 -13.06 7.95 7.24
C LEU A 170 -12.41 8.89 6.26
N GLY A 171 -11.07 8.89 6.28
CA GLY A 171 -10.31 9.80 5.46
C GLY A 171 -9.85 9.20 4.14
N ASP A 172 -8.66 9.62 3.70
CA ASP A 172 -8.12 9.24 2.39
C ASP A 172 -6.86 8.40 2.47
N ILE A 173 -6.57 7.76 1.35
CA ILE A 173 -5.55 6.74 1.21
C ILE A 173 -4.15 7.35 0.99
N LYS A 174 -3.15 6.71 1.61
CA LYS A 174 -1.77 7.02 1.40
C LYS A 174 -0.91 5.79 1.32
N ILE A 175 -0.35 5.56 0.14
CA ILE A 175 0.51 4.42 -0.05
C ILE A 175 1.89 4.76 0.51
N VAL A 176 2.48 3.80 1.25
CA VAL A 176 3.76 3.97 1.92
C VAL A 176 4.65 2.81 1.61
N ASP A 177 5.92 3.03 1.94
CA ASP A 177 6.96 2.03 1.91
C ASP A 177 7.33 1.47 0.51
N PHE A 178 8.19 2.22 -0.16
CA PHE A 178 8.67 1.91 -1.48
C PHE A 178 10.01 1.17 -1.46
N GLY A 179 10.35 0.51 -0.36
CA GLY A 179 11.62 -0.21 -0.22
C GLY A 179 11.78 -1.43 -1.09
N MET A 180 10.65 -2.03 -1.49
CA MET A 180 10.65 -3.17 -2.42
C MET A 180 10.35 -2.74 -3.84
N SER A 181 10.05 -1.47 -4.10
CA SER A 181 9.58 -1.08 -5.41
C SER A 181 10.70 -1.21 -6.47
N ARG A 182 10.31 -1.62 -7.68
CA ARG A 182 11.20 -1.79 -8.81
C ARG A 182 10.59 -1.24 -10.09
N LYS A 183 11.36 -1.33 -11.15
CA LYS A 183 10.83 -1.08 -12.51
C LYS A 183 10.21 -2.36 -13.11
N ILE A 184 9.34 -2.17 -14.10
CA ILE A 184 8.72 -3.28 -14.85
C ILE A 184 9.82 -4.16 -15.48
N GLY A 185 9.67 -5.49 -15.31
CA GLY A 185 10.50 -6.48 -15.97
C GLY A 185 11.89 -6.71 -15.38
N HIS A 186 12.11 -6.21 -14.15
CA HIS A 186 13.30 -6.51 -13.37
C HIS A 186 13.20 -7.95 -12.81
N ALA A 187 14.33 -8.54 -12.43
CA ALA A 187 14.37 -9.93 -11.96
C ALA A 187 13.61 -10.11 -10.63
N CYS A 188 12.84 -11.19 -10.53
CA CYS A 188 12.29 -11.61 -9.24
C CYS A 188 13.41 -12.26 -8.41
N GLU A 189 14.01 -11.49 -7.49
CA GLU A 189 15.25 -11.88 -6.78
C GLU A 189 15.02 -12.34 -5.31
N LEU A 190 16.09 -12.56 -4.52
CA LEU A 190 15.97 -13.08 -3.13
C LEU A 190 15.14 -12.19 -2.17
N ARG A 191 15.12 -10.88 -2.40
CA ARG A 191 14.31 -9.93 -1.61
C ARG A 191 12.81 -10.06 -1.91
N GLU A 192 12.46 -10.29 -3.19
CA GLU A 192 11.04 -10.51 -3.59
C GLU A 192 10.43 -11.74 -2.90
N ILE A 193 11.04 -12.92 -3.14
CA ILE A 193 10.58 -14.21 -2.54
C ILE A 193 10.64 -14.22 -0.98
N MET A 194 11.28 -13.20 -0.39
CA MET A 194 11.13 -12.86 1.04
C MET A 194 10.30 -11.59 1.28
N GLY A 195 8.97 -11.72 1.15
CA GLY A 195 8.01 -10.70 1.59
C GLY A 195 7.20 -11.26 2.76
N THR A 196 5.97 -10.78 2.93
CA THR A 196 5.01 -11.44 3.87
C THR A 196 4.24 -12.57 3.12
N PRO A 197 4.42 -13.83 3.56
CA PRO A 197 3.97 -15.00 2.74
C PRO A 197 2.52 -14.93 2.16
N GLU A 198 1.57 -14.42 2.95
CA GLU A 198 0.17 -14.40 2.54
C GLU A 198 -0.18 -13.33 1.49
N TYR A 199 0.69 -12.37 1.27
CA TYR A 199 0.48 -11.31 0.25
C TYR A 199 1.31 -11.45 -1.04
N LEU A 200 2.03 -12.56 -1.18
CA LEU A 200 2.87 -12.72 -2.38
C LEU A 200 2.05 -13.26 -3.53
N ALA A 201 2.23 -12.68 -4.72
CA ALA A 201 1.56 -13.15 -5.93
C ALA A 201 2.16 -14.49 -6.43
N PRO A 202 1.36 -15.32 -7.19
CA PRO A 202 1.83 -16.59 -7.79
C PRO A 202 3.11 -16.46 -8.60
N GLU A 203 3.18 -15.43 -9.47
CA GLU A 203 4.38 -15.15 -10.24
C GLU A 203 5.62 -14.90 -9.38
N ILE A 204 5.47 -14.27 -8.22
CA ILE A 204 6.59 -14.10 -7.31
C ILE A 204 7.08 -15.48 -6.80
N LEU A 205 6.16 -16.33 -6.36
CA LEU A 205 6.49 -17.68 -5.88
C LEU A 205 7.17 -18.51 -6.97
N ASN A 206 6.68 -18.36 -8.19
CA ASN A 206 7.16 -19.10 -9.33
C ASN A 206 8.36 -18.44 -10.05
N TYR A 207 8.90 -17.37 -9.49
CA TYR A 207 10.07 -16.64 -10.03
C TYR A 207 9.91 -16.08 -11.46
N ASP A 208 8.70 -15.67 -11.84
CA ASP A 208 8.49 -14.98 -13.13
C ASP A 208 8.86 -13.52 -12.95
N PRO A 209 9.10 -12.78 -14.04
CA PRO A 209 9.60 -11.43 -13.81
C PRO A 209 8.55 -10.51 -13.19
N ILE A 210 9.01 -9.32 -12.84
CA ILE A 210 8.16 -8.35 -12.16
C ILE A 210 7.25 -7.70 -13.16
N THR A 211 5.98 -7.64 -12.82
CA THR A 211 5.00 -7.06 -13.65
C THR A 211 4.09 -6.15 -12.80
N THR A 212 3.56 -5.10 -13.42
CA THR A 212 2.50 -4.29 -12.81
C THR A 212 1.34 -5.15 -12.27
N ALA A 213 1.08 -6.30 -12.93
CA ALA A 213 0.02 -7.19 -12.53
C ALA A 213 0.17 -7.65 -11.09
N THR A 214 1.40 -7.77 -10.60
CA THR A 214 1.60 -8.13 -9.19
C THR A 214 0.86 -7.19 -8.25
N ASP A 215 0.96 -5.88 -8.52
CA ASP A 215 0.24 -4.87 -7.68
C ASP A 215 -1.29 -5.09 -7.70
N MET A 216 -1.80 -5.47 -8.84
CA MET A 216 -3.22 -5.62 -9.03
C MET A 216 -3.75 -6.82 -8.23
N TRP A 217 -2.95 -7.86 -8.13
CA TRP A 217 -3.29 -9.02 -7.31
C TRP A 217 -3.45 -8.52 -5.90
N ASN A 218 -2.50 -7.71 -5.44
CA ASN A 218 -2.58 -7.18 -4.08
C ASN A 218 -3.78 -6.30 -3.85
N ILE A 219 -4.20 -5.56 -4.85
CA ILE A 219 -5.46 -4.83 -4.76
C ILE A 219 -6.69 -5.77 -4.64
N GLY A 220 -6.66 -6.90 -5.35
CA GLY A 220 -7.66 -7.97 -5.14
C GLY A 220 -7.74 -8.41 -3.67
N ILE A 221 -6.58 -8.66 -3.06
CA ILE A 221 -6.56 -9.06 -1.67
C ILE A 221 -7.14 -7.95 -0.77
N ILE A 222 -6.77 -6.71 -1.01
CA ILE A 222 -7.24 -5.62 -0.14
CA ILE A 222 -7.24 -5.64 -0.13
C ILE A 222 -8.78 -5.57 -0.18
N ALA A 223 -9.35 -5.57 -1.38
CA ALA A 223 -10.80 -5.63 -1.50
C ALA A 223 -11.42 -6.86 -0.79
N TYR A 224 -10.84 -8.04 -0.99
CA TYR A 224 -11.35 -9.23 -0.30
C TYR A 224 -11.33 -9.06 1.21
N MET A 225 -10.21 -8.55 1.73
CA MET A 225 -10.05 -8.34 3.17
C MET A 225 -10.99 -7.27 3.71
N LEU A 226 -11.23 -6.22 2.93
CA LEU A 226 -12.18 -5.19 3.41
C LEU A 226 -13.60 -5.72 3.43
N LEU A 227 -13.95 -6.61 2.51
CA LEU A 227 -15.33 -7.08 2.39
C LEU A 227 -15.68 -8.31 3.31
N THR A 228 -14.69 -9.14 3.63
CA THR A 228 -14.90 -10.35 4.40
C THR A 228 -14.24 -10.36 5.80
N HIS A 229 -13.31 -9.44 6.07
CA HIS A 229 -12.45 -9.50 7.27
C HIS A 229 -11.72 -10.83 7.44
N THR A 230 -11.35 -11.45 6.32
CA THR A 230 -10.55 -12.69 6.35
C THR A 230 -9.48 -12.59 5.27
N SER A 231 -8.29 -13.15 5.54
CA SER A 231 -7.19 -13.15 4.56
C SER A 231 -7.55 -14.25 3.59
N PRO A 232 -7.53 -13.98 2.28
CA PRO A 232 -7.97 -14.99 1.32
C PRO A 232 -7.07 -16.24 1.23
N PHE A 233 -5.78 -16.11 1.54
CA PHE A 233 -4.82 -17.20 1.28
C PHE A 233 -4.08 -17.79 2.48
N VAL A 234 -4.10 -17.12 3.64
CA VAL A 234 -3.30 -17.61 4.78
C VAL A 234 -3.84 -19.00 5.17
N GLY A 235 -2.94 -19.88 5.60
CA GLY A 235 -3.32 -21.26 5.94
C GLY A 235 -2.84 -21.76 7.29
N GLU A 236 -3.16 -23.05 7.56
CA GLU A 236 -2.60 -23.85 8.68
C GLU A 236 -1.15 -23.49 8.90
N ASP A 237 -0.35 -23.69 7.83
CA ASP A 237 1.09 -23.40 7.81
CA ASP A 237 1.08 -23.35 7.83
C ASP A 237 1.43 -22.64 6.52
N ASN A 238 2.64 -22.10 6.44
CA ASN A 238 3.15 -21.45 5.21
C ASN A 238 3.09 -22.37 4.01
N GLN A 239 3.23 -23.68 4.24
CA GLN A 239 3.03 -24.65 3.17
C GLN A 239 1.64 -24.52 2.56
N GLU A 240 0.60 -24.55 3.41
CA GLU A 240 -0.77 -24.37 2.93
C GLU A 240 -1.04 -22.95 2.35
N THR A 241 -0.38 -21.92 2.92
CA THR A 241 -0.46 -20.58 2.36
C THR A 241 0.02 -20.58 0.88
N TYR A 242 1.19 -21.16 0.65
CA TYR A 242 1.77 -21.22 -0.68
C TYR A 242 0.95 -22.08 -1.64
N LEU A 243 0.42 -23.20 -1.16
CA LEU A 243 -0.51 -24.00 -1.95
C LEU A 243 -1.76 -23.19 -2.28
N ASN A 244 -2.28 -22.47 -1.29
CA ASN A 244 -3.49 -21.66 -1.51
C ASN A 244 -3.21 -20.60 -2.59
N ILE A 245 -2.04 -19.96 -2.51
CA ILE A 245 -1.64 -18.95 -3.54
C ILE A 245 -1.46 -19.57 -4.91
N SER A 246 -0.61 -20.60 -4.98
CA SER A 246 -0.31 -21.22 -6.29
C SER A 246 -1.52 -21.93 -6.90
N GLN A 247 -2.41 -22.50 -6.08
CA GLN A 247 -3.68 -23.07 -6.57
C GLN A 247 -4.77 -22.02 -6.75
N VAL A 248 -4.56 -20.83 -6.17
CA VAL A 248 -5.55 -19.75 -6.16
C VAL A 248 -6.82 -20.31 -5.52
N ASN A 249 -6.63 -20.80 -4.29
CA ASN A 249 -7.72 -21.41 -3.55
C ASN A 249 -8.31 -20.37 -2.59
N VAL A 250 -9.46 -19.83 -3.02
CA VAL A 250 -10.10 -18.72 -2.40
C VAL A 250 -11.53 -19.09 -1.97
N ASP A 251 -11.85 -18.72 -0.74
CA ASP A 251 -13.20 -18.93 -0.22
C ASP A 251 -14.15 -17.92 -0.82
N TYR A 252 -14.93 -18.37 -1.81
CA TYR A 252 -16.07 -17.58 -2.36
C TYR A 252 -17.45 -18.10 -1.90
N SER A 253 -17.48 -18.84 -0.78
CA SER A 253 -18.68 -19.53 -0.31
C SER A 253 -19.80 -18.57 0.00
N GLU A 254 -21.03 -19.07 -0.09
CA GLU A 254 -22.18 -18.22 0.14
C GLU A 254 -22.21 -17.67 1.56
N GLU A 255 -21.61 -18.39 2.52
CA GLU A 255 -21.58 -17.88 3.92
C GLU A 255 -20.70 -16.63 4.00
N THR A 256 -19.51 -16.74 3.42
CA THR A 256 -18.58 -15.62 3.35
C THR A 256 -19.08 -14.47 2.46
N PHE A 257 -19.76 -14.80 1.35
CA PHE A 257 -20.20 -13.78 0.39
C PHE A 257 -21.67 -13.40 0.40
N SER A 258 -22.44 -13.87 1.39
CA SER A 258 -23.89 -13.60 1.45
C SER A 258 -24.20 -12.12 1.52
N SER A 259 -23.31 -11.33 2.15
CA SER A 259 -23.53 -9.88 2.25
C SER A 259 -22.59 -9.03 1.37
N VAL A 260 -21.97 -9.67 0.38
CA VAL A 260 -21.05 -9.02 -0.58
C VAL A 260 -21.72 -9.06 -1.94
N SER A 261 -21.78 -7.92 -2.62
CA SER A 261 -22.45 -7.80 -3.91
C SER A 261 -21.75 -8.63 -4.99
N GLN A 262 -22.50 -8.95 -6.04
CA GLN A 262 -21.90 -9.65 -7.16
C GLN A 262 -20.84 -8.82 -7.84
N LEU A 263 -21.11 -7.54 -8.04
CA LEU A 263 -20.12 -6.69 -8.71
C LEU A 263 -18.79 -6.64 -7.94
N ALA A 264 -18.83 -6.55 -6.61
CA ALA A 264 -17.56 -6.63 -5.82
C ALA A 264 -16.87 -7.98 -5.99
N THR A 265 -17.67 -9.05 -5.98
CA THR A 265 -17.17 -10.42 -6.24
C THR A 265 -16.48 -10.47 -7.61
N ASP A 266 -17.11 -9.89 -8.61
CA ASP A 266 -16.54 -9.85 -9.95
C ASP A 266 -15.19 -9.12 -9.96
N PHE A 267 -15.11 -7.99 -9.25
CA PHE A 267 -13.88 -7.18 -9.16
C PHE A 267 -12.71 -8.01 -8.59
N ILE A 268 -12.97 -8.69 -7.48
CA ILE A 268 -11.98 -9.52 -6.80
C ILE A 268 -11.57 -10.69 -7.67
N GLN A 269 -12.56 -11.35 -8.25
CA GLN A 269 -12.30 -12.54 -9.07
C GLN A 269 -11.53 -12.21 -10.36
N SER A 270 -11.73 -11.03 -10.92
CA SER A 270 -10.97 -10.66 -12.11
C SER A 270 -9.48 -10.37 -11.77
N LEU A 271 -9.18 -10.04 -10.51
CA LEU A 271 -7.82 -9.81 -10.01
C LEU A 271 -7.12 -11.02 -9.41
N LEU A 272 -7.84 -11.86 -8.69
CA LEU A 272 -7.21 -13.02 -8.08
C LEU A 272 -7.22 -14.19 -9.07
N VAL A 273 -6.41 -14.04 -10.11
CA VAL A 273 -6.17 -15.08 -11.09
C VAL A 273 -4.67 -15.37 -11.17
N LYS A 274 -4.36 -16.65 -11.33
CA LYS A 274 -3.00 -17.17 -11.41
C LYS A 274 -2.17 -16.48 -12.49
N ASN A 275 -2.74 -16.28 -13.67
CA ASN A 275 -1.97 -15.77 -14.78
C ASN A 275 -1.93 -14.26 -14.74
N PRO A 276 -0.75 -13.67 -14.43
CA PRO A 276 -0.69 -12.19 -14.33
C PRO A 276 -1.22 -11.43 -15.57
N GLU A 277 -1.09 -12.03 -16.75
CA GLU A 277 -1.51 -11.37 -18.00
C GLU A 277 -3.03 -11.24 -18.15
N LYS A 278 -3.79 -12.06 -17.42
CA LYS A 278 -5.27 -11.97 -17.47
C LYS A 278 -5.83 -10.94 -16.50
N ARG A 279 -5.02 -10.44 -15.56
CA ARG A 279 -5.49 -9.41 -14.62
C ARG A 279 -5.60 -8.10 -15.35
N PRO A 280 -6.69 -7.36 -15.14
CA PRO A 280 -6.82 -6.05 -15.79
C PRO A 280 -5.83 -5.04 -15.19
N THR A 281 -5.57 -3.98 -15.93
CA THR A 281 -4.69 -2.92 -15.50
C THR A 281 -5.39 -2.04 -14.48
N ALA A 282 -4.63 -1.12 -13.90
CA ALA A 282 -5.23 -0.22 -12.94
C ALA A 282 -6.30 0.64 -13.63
N GLU A 283 -5.94 1.10 -14.81
CA GLU A 283 -6.84 1.93 -15.59
C GLU A 283 -8.19 1.22 -15.89
N ILE A 284 -8.13 -0.03 -16.32
CA ILE A 284 -9.36 -0.76 -16.64
C ILE A 284 -10.16 -0.95 -15.35
N CYS A 285 -9.48 -1.26 -14.23
CA CYS A 285 -10.16 -1.44 -12.93
C CYS A 285 -10.93 -0.21 -12.55
N LEU A 286 -10.40 0.95 -12.87
CA LEU A 286 -11.08 2.19 -12.53
C LEU A 286 -12.42 2.33 -13.26
N SER A 287 -12.57 1.64 -14.37
CA SER A 287 -13.84 1.62 -15.08
C SER A 287 -14.76 0.54 -14.64
N HIS A 288 -14.37 -0.27 -13.68
CA HIS A 288 -15.18 -1.41 -13.32
C HIS A 288 -16.57 -0.90 -12.84
N SER A 289 -17.63 -1.55 -13.37
CA SER A 289 -19.02 -1.28 -12.94
C SER A 289 -19.20 -1.12 -11.41
N TRP A 290 -18.48 -1.92 -10.65
CA TRP A 290 -18.57 -1.87 -9.16
C TRP A 290 -18.31 -0.48 -8.62
N LEU A 291 -17.34 0.23 -9.20
CA LEU A 291 -16.91 1.49 -8.69
C LEU A 291 -17.66 2.66 -9.33
N GLN A 292 -18.59 2.41 -10.23
CA GLN A 292 -19.37 3.49 -10.80
CA GLN A 292 -19.47 3.45 -10.82
C GLN A 292 -20.56 3.82 -9.83
N GLN A 293 -20.49 4.99 -9.21
CA GLN A 293 -21.49 5.38 -8.22
C GLN A 293 -21.78 6.82 -8.39
N TRP A 294 -23.05 7.21 -8.38
CA TRP A 294 -23.42 8.60 -8.43
C TRP A 294 -23.56 9.14 -7.00
N ASP A 295 -22.95 10.28 -6.70
CA ASP A 295 -23.16 10.93 -5.39
C ASP A 295 -24.59 11.49 -5.31
N PHE A 296 -25.41 10.98 -4.38
CA PHE A 296 -26.86 11.36 -4.37
C PHE A 296 -27.10 12.86 -4.16
N GLU A 297 -26.12 13.55 -3.58
CA GLU A 297 -26.20 14.99 -3.33
C GLU A 297 -26.06 15.81 -4.62
N ASN A 298 -25.45 15.24 -5.67
CA ASN A 298 -25.33 15.94 -6.97
C ASN A 298 -26.54 15.77 -7.82
N LEU A 299 -26.80 16.76 -8.64
CA LEU A 299 -27.88 16.69 -9.62
C LEU A 299 -27.36 15.92 -10.85
N PHE A 300 -27.97 14.79 -11.15
CA PHE A 300 -27.62 13.99 -12.32
C PHE A 300 -28.17 14.66 -13.59
N HIS A 301 -27.39 14.68 -14.65
CA HIS A 301 -27.79 15.24 -15.94
C HIS A 301 -27.98 14.08 -16.94
N PRO A 302 -29.25 13.71 -17.21
CA PRO A 302 -29.50 12.53 -18.03
C PRO A 302 -29.22 12.76 -19.52
N GLU A 303 -29.18 11.63 -20.24
CA GLU A 303 -29.02 11.62 -21.70
CA GLU A 303 -29.00 11.61 -21.69
C GLU A 303 -30.18 12.32 -22.39
N GLU A 304 -31.40 12.16 -21.86
CA GLU A 304 -32.57 12.92 -22.37
C GLU A 304 -32.63 14.36 -21.77
N THR A 305 -32.16 15.30 -22.57
CA THR A 305 -32.03 16.70 -22.14
C THR A 305 -33.42 17.37 -22.23
N SER A 306 -33.58 18.52 -21.60
CA SER A 306 -34.85 19.29 -21.64
C SER A 306 -35.15 19.88 -23.05
N SER A 307 -34.11 20.02 -23.88
CA SER A 307 -34.22 20.59 -25.25
C SER A 307 -35.33 19.96 -26.17
#